data_5AJ8
#
_entry.id   5AJ8
#
_cell.length_a   37.644
_cell.length_b   93.236
_cell.length_c   48.277
_cell.angle_alpha   90.00
_cell.angle_beta   108.38
_cell.angle_gamma   90.00
#
_symmetry.space_group_name_H-M   'P 1 21 1'
#
loop_
_entity.id
_entity.type
_entity.pdbx_description
1 polymer 'TUBULIN BINDING COFACTOR C'
2 water water
#
_entity_poly.entity_id   1
_entity_poly.type   'polypeptide(L)'
_entity_poly.pdbx_seq_one_letter_code
;GH(MSE)SSTNGFGNVYGPSTGTDLFISHSKGVFINGCADCAIYCLPIAGSAFLSNCTNCRVYVACHQLRLKGCTNLD
(MSE)YVWCASTPIIEECDA(MSE)RFGPYRCWVGLLSSCTEDGKTYATHAEWVSRVGEIEDTARTEQNYVKVDDFQWVK
KRASPHWCVLAREEERASTTVFGPATLPSSSTAHSTVAADH
;
_entity_poly.pdbx_strand_id   A,B
#
# COMPACT_ATOMS: atom_id res chain seq x y z
N GLY A 10 -2.54 11.58 -13.38
CA GLY A 10 -3.67 10.74 -12.84
C GLY A 10 -4.75 10.55 -13.88
N ASN A 11 -4.57 9.57 -14.75
CA ASN A 11 -5.53 9.29 -15.83
C ASN A 11 -6.75 8.52 -15.34
N VAL A 12 -7.93 9.00 -15.71
CA VAL A 12 -9.19 8.38 -15.31
C VAL A 12 -9.79 7.66 -16.53
N TYR A 13 -10.24 6.42 -16.34
CA TYR A 13 -10.83 5.60 -17.41
C TYR A 13 -12.17 5.04 -16.97
N GLY A 14 -12.96 4.63 -17.95
CA GLY A 14 -14.34 4.18 -17.76
C GLY A 14 -15.29 5.33 -17.44
N PRO A 15 -16.57 5.01 -17.21
CA PRO A 15 -17.16 3.68 -17.27
C PRO A 15 -17.27 3.17 -18.70
N SER A 16 -17.26 1.86 -18.82
CA SER A 16 -17.26 1.19 -20.09
C SER A 16 -17.68 -0.27 -19.87
N THR A 17 -18.47 -0.81 -20.80
N THR A 17 -18.46 -0.81 -20.81
CA THR A 17 -18.98 -2.18 -20.70
CA THR A 17 -18.97 -2.17 -20.73
C THR A 17 -18.75 -2.93 -22.01
C THR A 17 -18.74 -2.92 -22.02
N GLY A 18 -18.19 -4.13 -21.93
CA GLY A 18 -18.16 -5.03 -23.07
C GLY A 18 -17.08 -4.80 -24.11
N THR A 19 -16.16 -3.85 -23.87
CA THR A 19 -15.10 -3.47 -24.80
C THR A 19 -13.76 -3.60 -24.06
N ASP A 20 -12.83 -4.37 -24.62
CA ASP A 20 -11.50 -4.47 -24.07
C ASP A 20 -10.81 -3.11 -24.01
N LEU A 21 -10.16 -2.81 -22.88
CA LEU A 21 -9.49 -1.49 -22.68
C LEU A 21 -7.97 -1.63 -22.69
N PHE A 22 -7.29 -0.62 -23.26
CA PHE A 22 -5.84 -0.59 -23.36
C PHE A 22 -5.33 0.67 -22.66
N ILE A 23 -4.77 0.49 -21.47
CA ILE A 23 -4.36 1.60 -20.61
C ILE A 23 -2.86 1.80 -20.78
N SER A 24 -2.46 2.92 -21.33
CA SER A 24 -1.01 3.14 -21.57
C SER A 24 -0.27 3.47 -20.26
N HIS A 25 1.05 3.48 -20.33
CA HIS A 25 1.91 3.77 -19.16
C HIS A 25 1.71 5.21 -18.71
N SER A 26 1.75 5.44 -17.39
CA SER A 26 1.60 6.76 -16.81
C SER A 26 2.03 6.67 -15.37
N LYS A 27 1.88 7.76 -14.60
CA LYS A 27 2.25 7.78 -13.18
C LYS A 27 1.08 7.48 -12.23
N GLY A 28 -0.09 7.17 -12.77
CA GLY A 28 -1.28 6.93 -11.94
C GLY A 28 -2.51 6.71 -12.79
N VAL A 29 -3.34 5.75 -12.40
CA VAL A 29 -4.61 5.50 -13.05
C VAL A 29 -5.76 5.28 -12.07
N PHE A 30 -6.95 5.66 -12.52
N PHE A 30 -6.94 5.67 -12.53
CA PHE A 30 -8.19 5.46 -11.81
CA PHE A 30 -8.20 5.46 -11.85
C PHE A 30 -9.16 4.87 -12.84
C PHE A 30 -9.13 4.84 -12.88
N ILE A 31 -9.70 3.69 -12.56
CA ILE A 31 -10.62 2.99 -13.45
C ILE A 31 -11.94 2.81 -12.70
N ASN A 32 -12.99 3.40 -13.24
CA ASN A 32 -14.29 3.44 -12.57
C ASN A 32 -15.38 2.86 -13.46
N GLY A 33 -16.12 1.92 -12.90
CA GLY A 33 -17.38 1.49 -13.48
C GLY A 33 -17.26 0.71 -14.77
N CYS A 34 -16.25 -0.16 -14.87
CA CYS A 34 -16.11 -1.01 -16.05
C CYS A 34 -16.68 -2.42 -15.78
N ALA A 35 -17.22 -3.03 -16.81
CA ALA A 35 -17.87 -4.35 -16.71
C ALA A 35 -17.70 -5.19 -17.97
N ASP A 36 -17.61 -6.51 -17.76
CA ASP A 36 -17.65 -7.48 -18.86
C ASP A 36 -16.58 -7.18 -19.90
N CYS A 37 -15.35 -7.06 -19.47
CA CYS A 37 -14.27 -6.81 -20.42
C CYS A 37 -12.92 -7.23 -19.87
N ALA A 38 -11.91 -7.18 -20.75
CA ALA A 38 -10.55 -7.39 -20.38
C ALA A 38 -9.88 -6.05 -20.39
N ILE A 39 -9.04 -5.81 -19.39
CA ILE A 39 -8.35 -4.52 -19.25
C ILE A 39 -6.84 -4.79 -19.23
N TYR A 40 -6.14 -4.29 -20.24
CA TYR A 40 -4.70 -4.52 -20.41
C TYR A 40 -3.95 -3.23 -20.12
N CYS A 41 -3.20 -3.19 -19.02
CA CYS A 41 -2.41 -2.02 -18.64
C CYS A 41 -0.89 -2.23 -18.83
N LEU A 42 -0.27 -1.32 -19.57
CA LEU A 42 1.16 -1.20 -19.54
C LEU A 42 1.57 -0.80 -18.10
N PRO A 43 2.81 -1.09 -17.70
CA PRO A 43 3.20 -0.78 -16.31
C PRO A 43 2.95 0.67 -15.93
N ILE A 44 2.35 0.90 -14.75
CA ILE A 44 2.07 2.24 -14.21
C ILE A 44 3.09 2.53 -13.12
N ALA A 45 3.78 3.66 -13.24
CA ALA A 45 4.82 4.02 -12.30
C ALA A 45 4.19 4.86 -11.21
N GLY A 46 3.26 4.25 -10.50
CA GLY A 46 2.46 4.92 -9.45
C GLY A 46 1.29 4.02 -9.08
N SER A 47 0.22 4.59 -8.54
CA SER A 47 -0.87 3.78 -8.06
C SER A 47 -1.95 3.56 -9.12
N ALA A 48 -2.64 2.43 -8.98
CA ALA A 48 -3.80 2.06 -9.77
C ALA A 48 -4.97 1.85 -8.81
N PHE A 49 -6.08 2.52 -9.06
CA PHE A 49 -7.27 2.43 -8.23
C PHE A 49 -8.44 2.00 -9.12
N LEU A 50 -9.04 0.85 -8.82
CA LEU A 50 -10.25 0.40 -9.51
C LEU A 50 -11.46 0.49 -8.56
N SER A 51 -12.57 1.03 -9.05
CA SER A 51 -13.78 1.09 -8.27
C SER A 51 -15.02 0.71 -9.07
N ASN A 52 -15.92 0.02 -8.42
CA ASN A 52 -17.18 -0.35 -9.02
C ASN A 52 -17.04 -1.09 -10.35
N CYS A 53 -16.07 -1.99 -10.42
CA CYS A 53 -15.90 -2.82 -11.59
C CYS A 53 -16.42 -4.21 -11.29
N THR A 54 -17.03 -4.84 -12.28
N THR A 54 -17.03 -4.83 -12.29
CA THR A 54 -17.55 -6.19 -12.15
CA THR A 54 -17.58 -6.17 -12.17
C THR A 54 -17.26 -7.02 -13.40
C THR A 54 -17.27 -7.02 -13.40
N ASN A 55 -16.94 -8.30 -13.18
CA ASN A 55 -16.78 -9.27 -14.27
C ASN A 55 -15.74 -8.80 -15.28
N CYS A 56 -14.57 -8.43 -14.79
CA CYS A 56 -13.47 -7.98 -15.65
C CYS A 56 -12.26 -8.84 -15.40
N ARG A 57 -11.44 -8.98 -16.44
CA ARG A 57 -10.10 -9.57 -16.34
C ARG A 57 -9.12 -8.43 -16.51
N VAL A 58 -8.25 -8.20 -15.53
CA VAL A 58 -7.37 -7.03 -15.50
C VAL A 58 -5.90 -7.44 -15.39
N TYR A 59 -5.05 -6.91 -16.28
CA TYR A 59 -3.61 -7.18 -16.29
C TYR A 59 -2.93 -5.88 -16.00
N VAL A 60 -2.29 -5.75 -14.85
CA VAL A 60 -1.71 -4.46 -14.43
C VAL A 60 -0.42 -4.64 -13.62
N ALA A 61 0.56 -3.82 -13.94
CA ALA A 61 1.72 -3.63 -13.10
C ALA A 61 1.66 -2.22 -12.52
N CYS A 62 2.02 -2.07 -11.24
CA CYS A 62 1.94 -0.79 -10.55
C CYS A 62 2.71 -0.79 -9.23
N HIS A 63 2.89 0.39 -8.66
CA HIS A 63 3.54 0.54 -7.34
C HIS A 63 2.59 0.23 -6.18
N GLN A 64 1.36 0.73 -6.29
CA GLN A 64 0.27 0.41 -5.36
C GLN A 64 -0.99 0.06 -6.13
N LEU A 65 -1.78 -0.89 -5.60
CA LEU A 65 -3.02 -1.32 -6.21
C LEU A 65 -4.12 -1.28 -5.16
N ARG A 66 -5.19 -0.55 -5.44
CA ARG A 66 -6.35 -0.55 -4.55
C ARG A 66 -7.65 -0.77 -5.31
N LEU A 67 -8.48 -1.64 -4.77
CA LEU A 67 -9.79 -1.92 -5.37
C LEU A 67 -10.92 -1.70 -4.36
N LYS A 68 -11.98 -1.05 -4.81
CA LYS A 68 -13.12 -0.75 -3.96
C LYS A 68 -14.43 -1.07 -4.69
N GLY A 69 -15.31 -1.80 -4.03
CA GLY A 69 -16.63 -2.07 -4.56
C GLY A 69 -16.61 -2.90 -5.83
N CYS A 70 -15.66 -3.81 -5.95
CA CYS A 70 -15.53 -4.67 -7.13
C CYS A 70 -15.97 -6.13 -6.86
N THR A 71 -16.55 -6.79 -7.86
N THR A 71 -16.57 -6.78 -7.86
CA THR A 71 -16.99 -8.16 -7.74
CA THR A 71 -16.99 -8.18 -7.74
C THR A 71 -16.59 -8.97 -8.98
C THR A 71 -16.58 -8.97 -8.99
N ASN A 72 -16.11 -10.20 -8.79
CA ASN A 72 -15.75 -11.11 -9.90
C ASN A 72 -14.72 -10.51 -10.85
N LEU A 73 -13.63 -10.02 -10.29
CA LEU A 73 -12.46 -9.55 -11.06
C LEU A 73 -11.37 -10.59 -10.98
N ASP A 74 -10.82 -10.98 -12.13
CA ASP A 74 -9.59 -11.79 -12.14
C ASP A 74 -8.46 -10.80 -12.34
N TYR A 76 -4.54 -9.95 -12.65
CA TYR A 76 -3.20 -10.43 -12.98
C TYR A 76 -2.20 -9.30 -12.73
N VAL A 77 -1.46 -9.44 -11.64
CA VAL A 77 -0.88 -8.31 -10.96
C VAL A 77 0.64 -8.46 -10.73
N TRP A 78 1.38 -7.40 -11.00
CA TRP A 78 2.76 -7.23 -10.52
C TRP A 78 2.78 -5.92 -9.76
N CYS A 79 2.85 -6.01 -8.44
CA CYS A 79 2.75 -4.84 -7.59
C CYS A 79 3.93 -4.73 -6.66
N ALA A 80 4.45 -3.51 -6.48
CA ALA A 80 5.55 -3.24 -5.56
C ALA A 80 5.11 -3.39 -4.13
N SER A 81 3.79 -3.33 -3.86
CA SER A 81 3.29 -3.51 -2.50
C SER A 81 2.09 -4.48 -2.48
N THR A 82 1.63 -4.83 -1.30
CA THR A 82 0.44 -5.69 -1.18
C THR A 82 -0.86 -4.97 -1.68
N PRO A 83 -1.55 -5.55 -2.66
CA PRO A 83 -2.85 -4.98 -3.07
C PRO A 83 -3.82 -4.88 -1.92
N ILE A 84 -4.60 -3.81 -1.89
CA ILE A 84 -5.62 -3.58 -0.86
C ILE A 84 -6.99 -3.71 -1.51
N ILE A 85 -7.90 -4.47 -0.89
CA ILE A 85 -9.29 -4.47 -1.33
C ILE A 85 -10.22 -3.99 -0.23
N GLU A 86 -11.38 -3.51 -0.65
N GLU A 86 -11.39 -3.51 -0.64
CA GLU A 86 -12.38 -2.94 0.24
CA GLU A 86 -12.37 -2.95 0.28
C GLU A 86 -13.77 -3.09 -0.38
C GLU A 86 -13.77 -3.08 -0.36
N GLU A 87 -14.68 -3.74 0.34
CA GLU A 87 -16.02 -4.04 -0.21
C GLU A 87 -15.91 -4.76 -1.58
N CYS A 88 -15.04 -5.77 -1.65
CA CYS A 88 -14.86 -6.58 -2.85
C CYS A 88 -15.20 -8.02 -2.54
N ASP A 89 -15.53 -8.78 -3.57
CA ASP A 89 -15.84 -10.20 -3.37
C ASP A 89 -15.62 -10.93 -4.68
N ALA A 90 -15.32 -12.22 -4.58
CA ALA A 90 -15.07 -13.10 -5.71
C ALA A 90 -13.90 -12.54 -6.52
N ARG A 92 -10.03 -12.94 -7.66
CA ARG A 92 -9.02 -13.97 -7.84
C ARG A 92 -7.74 -13.34 -8.41
N PHE A 93 -6.61 -13.69 -7.83
CA PHE A 93 -5.31 -13.08 -8.16
C PHE A 93 -4.32 -14.01 -8.81
N GLY A 94 -3.70 -13.49 -9.84
CA GLY A 94 -2.67 -14.19 -10.59
C GLY A 94 -1.54 -13.23 -10.93
N PRO A 95 -0.50 -13.75 -11.58
CA PRO A 95 0.65 -12.96 -12.01
C PRO A 95 0.49 -12.27 -13.37
N TYR A 96 1.12 -11.11 -13.47
CA TYR A 96 1.11 -10.25 -14.67
C TYR A 96 1.72 -10.95 -15.91
N ARG A 97 2.63 -11.87 -15.65
CA ARG A 97 3.26 -12.64 -16.70
C ARG A 97 2.24 -13.44 -17.57
N CYS A 98 1.01 -13.66 -17.06
CA CYS A 98 -0.05 -14.25 -17.89
C CYS A 98 -0.42 -13.39 -19.09
N TRP A 99 -0.11 -12.09 -19.07
CA TRP A 99 -0.27 -11.30 -20.28
C TRP A 99 0.92 -11.51 -21.20
N VAL A 100 0.92 -12.64 -21.89
CA VAL A 100 1.96 -13.04 -22.82
C VAL A 100 2.08 -12.00 -23.93
N GLY A 101 0.96 -11.42 -24.34
CA GLY A 101 0.95 -10.43 -25.43
C GLY A 101 1.68 -9.11 -25.18
N LEU A 102 1.94 -8.78 -23.92
CA LEU A 102 2.76 -7.64 -23.57
C LEU A 102 4.11 -7.70 -24.31
N LEU A 103 4.65 -8.91 -24.37
CA LEU A 103 5.98 -9.11 -24.93
C LEU A 103 6.01 -8.88 -26.43
N SER A 104 4.85 -8.91 -27.09
CA SER A 104 4.73 -8.53 -28.53
C SER A 104 4.14 -7.13 -28.72
N SER A 105 4.15 -6.35 -27.64
CA SER A 105 3.64 -5.00 -27.62
C SER A 105 4.80 -4.04 -27.49
N CYS A 106 4.52 -2.75 -27.62
CA CYS A 106 5.56 -1.73 -27.45
C CYS A 106 5.07 -0.53 -26.65
N THR A 107 6.01 0.26 -26.13
CA THR A 107 5.66 1.50 -25.44
C THR A 107 5.20 2.51 -26.48
N GLU A 108 4.85 3.69 -26.02
CA GLU A 108 4.45 4.78 -26.89
C GLU A 108 5.60 5.14 -27.85
N ASP A 109 6.84 5.10 -27.37
CA ASP A 109 8.04 5.39 -28.19
C ASP A 109 8.56 4.24 -29.04
N GLY A 110 7.86 3.12 -29.04
CA GLY A 110 8.26 1.98 -29.84
C GLY A 110 9.22 1.02 -29.15
N LYS A 111 9.53 1.24 -27.88
CA LYS A 111 10.42 0.33 -27.15
C LYS A 111 9.72 -0.98 -26.84
N THR A 112 10.47 -2.07 -26.90
CA THR A 112 9.97 -3.40 -26.63
C THR A 112 10.95 -4.05 -25.66
N TYR A 113 10.46 -4.97 -24.83
CA TYR A 113 11.31 -5.71 -23.91
C TYR A 113 10.95 -7.19 -23.97
N ALA A 114 11.90 -8.05 -23.69
CA ALA A 114 11.76 -9.48 -23.93
C ALA A 114 11.14 -10.23 -22.76
N THR A 115 11.09 -9.62 -21.58
CA THR A 115 10.49 -10.25 -20.39
C THR A 115 9.62 -9.27 -19.60
N HIS A 116 8.78 -9.83 -18.74
CA HIS A 116 7.91 -9.00 -17.95
C HIS A 116 8.70 -8.22 -16.90
N ALA A 117 9.73 -8.85 -16.34
CA ALA A 117 10.61 -8.17 -15.37
C ALA A 117 11.22 -6.91 -15.96
N GLU A 118 11.68 -6.99 -17.21
N GLU A 118 11.69 -7.00 -17.20
CA GLU A 118 12.24 -5.83 -17.90
CA GLU A 118 12.28 -5.83 -17.86
C GLU A 118 11.20 -4.74 -18.10
C GLU A 118 11.22 -4.73 -18.11
N TRP A 119 10.03 -5.11 -18.57
CA TRP A 119 8.92 -4.16 -18.74
C TRP A 119 8.60 -3.44 -17.42
N VAL A 120 8.48 -4.23 -16.36
CA VAL A 120 8.10 -3.69 -15.07
C VAL A 120 9.22 -2.83 -14.47
N SER A 121 10.48 -3.23 -14.69
CA SER A 121 11.61 -2.43 -14.21
C SER A 121 11.74 -1.13 -15.02
N ARG A 122 11.75 -1.23 -16.36
CA ARG A 122 12.07 -0.09 -17.22
C ARG A 122 10.89 0.86 -17.43
N VAL A 123 9.67 0.34 -17.61
CA VAL A 123 8.47 1.18 -17.81
C VAL A 123 7.77 1.43 -16.47
N GLY A 124 7.65 0.39 -15.62
CA GLY A 124 7.01 0.51 -14.32
C GLY A 124 7.83 1.16 -13.22
N GLU A 125 9.13 1.20 -13.42
CA GLU A 125 10.05 1.75 -12.42
C GLU A 125 10.00 1.00 -11.08
N ILE A 126 9.83 -0.31 -11.12
CA ILE A 126 9.96 -1.11 -9.92
C ILE A 126 11.37 -1.68 -10.04
N GLU A 127 12.25 -1.26 -9.14
CA GLU A 127 13.65 -1.67 -9.19
C GLU A 127 13.80 -3.12 -8.73
N ASP A 128 13.15 -3.50 -7.63
CA ASP A 128 13.33 -4.85 -7.09
C ASP A 128 12.28 -5.82 -7.62
N THR A 129 12.48 -6.27 -8.86
CA THR A 129 11.56 -7.15 -9.55
C THR A 129 11.47 -8.56 -8.89
N ALA A 130 12.60 -9.10 -8.42
CA ALA A 130 12.64 -10.43 -7.76
C ALA A 130 11.74 -10.51 -6.52
N ARG A 131 11.84 -9.50 -5.67
CA ARG A 131 11.11 -9.41 -4.40
C ARG A 131 9.63 -9.11 -4.58
N THR A 132 9.27 -8.38 -5.63
CA THR A 132 7.88 -7.94 -5.86
C THR A 132 6.99 -8.85 -6.72
N GLU A 133 7.58 -9.69 -7.56
CA GLU A 133 6.76 -10.45 -8.54
C GLU A 133 5.62 -11.21 -7.87
N GLN A 134 5.92 -11.78 -6.70
CA GLN A 134 5.00 -12.65 -5.96
C GLN A 134 4.11 -11.93 -4.94
N ASN A 135 4.06 -10.60 -4.97
CA ASN A 135 3.13 -9.86 -4.11
C ASN A 135 1.65 -10.14 -4.40
N TYR A 136 1.34 -10.63 -5.58
CA TYR A 136 -0.05 -10.95 -5.90
C TYR A 136 -0.68 -12.07 -5.04
N VAL A 137 0.13 -12.92 -4.40
CA VAL A 137 -0.43 -14.01 -3.58
C VAL A 137 -0.86 -13.50 -2.20
N LYS A 138 -0.50 -12.27 -1.84
CA LYS A 138 -0.91 -11.71 -0.57
C LYS A 138 -1.77 -10.47 -0.83
N VAL A 139 -2.97 -10.45 -0.29
CA VAL A 139 -3.92 -9.37 -0.53
C VAL A 139 -4.40 -8.88 0.82
N ASP A 140 -4.59 -7.58 0.93
CA ASP A 140 -4.87 -6.91 2.21
C ASP A 140 -6.34 -6.52 2.21
N ASP A 141 -7.18 -7.43 2.71
CA ASP A 141 -8.60 -7.18 2.80
C ASP A 141 -8.79 -6.64 4.22
N PHE A 142 -8.42 -5.38 4.40
CA PHE A 142 -8.17 -4.80 5.73
C PHE A 142 -9.43 -4.67 6.61
N GLN A 143 -10.62 -4.60 6.01
CA GLN A 143 -11.85 -4.58 6.83
C GLN A 143 -12.25 -5.96 7.33
N TRP A 144 -11.68 -7.03 6.77
CA TRP A 144 -11.92 -8.36 7.29
C TRP A 144 -11.03 -8.59 8.52
N VAL A 145 -11.63 -8.39 9.68
CA VAL A 145 -10.88 -8.49 10.94
C VAL A 145 -11.18 -9.78 11.75
N LYS A 146 -12.08 -10.65 11.28
CA LYS A 146 -12.23 -11.99 11.86
C LYS A 146 -10.91 -12.75 11.78
N LYS A 147 -10.79 -13.81 12.56
CA LYS A 147 -9.54 -14.57 12.68
C LYS A 147 -9.24 -15.39 11.42
N ARG A 148 -10.28 -15.97 10.82
CA ARG A 148 -10.09 -16.82 9.64
C ARG A 148 -9.71 -16.02 8.38
N ALA A 149 -9.07 -16.69 7.44
CA ALA A 149 -8.79 -16.12 6.12
C ALA A 149 -10.03 -15.44 5.52
N SER A 150 -9.82 -14.32 4.82
CA SER A 150 -10.91 -13.66 4.11
C SER A 150 -11.49 -14.60 3.06
N PRO A 151 -12.81 -14.68 2.94
CA PRO A 151 -13.41 -15.45 1.86
C PRO A 151 -13.53 -14.66 0.57
N HIS A 152 -13.12 -13.40 0.57
CA HIS A 152 -13.39 -12.48 -0.57
C HIS A 152 -12.39 -12.49 -1.71
N TRP A 153 -11.24 -13.14 -1.47
CA TRP A 153 -10.21 -13.29 -2.48
C TRP A 153 -9.49 -14.64 -2.37
N CYS A 154 -8.88 -15.06 -3.47
CA CYS A 154 -8.04 -16.23 -3.51
C CYS A 154 -7.03 -16.08 -4.62
N VAL A 155 -6.15 -17.08 -4.75
CA VAL A 155 -5.12 -17.14 -5.77
C VAL A 155 -5.55 -18.11 -6.85
N LEU A 156 -5.51 -17.68 -8.10
CA LEU A 156 -5.84 -18.50 -9.25
C LEU A 156 -4.95 -19.71 -9.32
N ALA A 157 -5.57 -20.85 -9.64
CA ALA A 157 -4.85 -22.07 -9.90
C ALA A 157 -4.26 -21.95 -11.27
N ARG A 158 -3.16 -22.68 -11.49
N ARG A 158 -3.16 -22.68 -11.49
CA ARG A 158 -2.47 -22.72 -12.78
CA ARG A 158 -2.47 -22.70 -12.79
C ARG A 158 -3.42 -22.83 -13.96
C ARG A 158 -3.42 -22.83 -13.97
N GLU A 159 -4.32 -23.80 -13.90
CA GLU A 159 -5.25 -24.07 -15.00
C GLU A 159 -6.36 -23.04 -15.20
N GLU A 160 -6.55 -22.19 -14.21
CA GLU A 160 -7.53 -21.12 -14.33
C GLU A 160 -6.85 -19.84 -14.82
N GLU A 161 -5.55 -19.85 -15.02
CA GLU A 161 -4.89 -18.63 -15.51
C GLU A 161 -5.32 -18.38 -16.95
N ARG A 162 -5.64 -17.13 -17.27
CA ARG A 162 -5.98 -16.77 -18.66
C ARG A 162 -4.75 -16.11 -19.28
N ALA A 163 -4.03 -16.89 -20.08
CA ALA A 163 -2.78 -16.45 -20.70
C ALA A 163 -3.07 -15.72 -22.01
N SER A 164 -3.26 -14.41 -21.94
CA SER A 164 -3.73 -13.64 -23.09
C SER A 164 -2.56 -13.32 -24.05
N THR A 165 -2.80 -13.59 -25.35
CA THR A 165 -1.86 -13.23 -26.40
C THR A 165 -2.20 -11.89 -27.02
N THR A 166 -3.19 -11.20 -26.47
CA THR A 166 -3.62 -9.91 -27.02
C THR A 166 -2.49 -8.88 -27.07
N VAL A 167 -2.27 -8.29 -28.26
CA VAL A 167 -1.33 -7.19 -28.41
C VAL A 167 -1.97 -5.87 -27.94
N PHE A 168 -1.19 -5.05 -27.24
CA PHE A 168 -1.66 -3.76 -26.76
C PHE A 168 -1.95 -2.83 -27.93
N GLY A 169 -3.14 -2.24 -27.91
CA GLY A 169 -3.39 -1.03 -28.68
C GLY A 169 -4.58 -1.14 -29.58
N PRO A 170 -5.09 0.01 -30.06
CA PRO A 170 -4.59 1.34 -29.72
C PRO A 170 -5.03 1.77 -28.31
N ALA A 171 -4.27 2.67 -27.71
CA ALA A 171 -4.52 3.08 -26.32
C ALA A 171 -5.93 3.63 -26.19
N THR A 172 -6.63 3.22 -25.13
CA THR A 172 -7.91 3.81 -24.77
C THR A 172 -7.66 5.25 -24.32
N LEU A 173 -8.47 6.17 -24.82
CA LEU A 173 -8.35 7.58 -24.48
C LEU A 173 -8.90 7.79 -23.07
N PRO A 174 -8.13 8.44 -22.18
CA PRO A 174 -8.67 8.69 -20.83
C PRO A 174 -9.92 9.57 -20.87
N SER A 175 -10.83 9.31 -19.95
CA SER A 175 -12.04 10.12 -19.77
C SER A 175 -11.70 11.51 -19.26
N SER A 176 -10.69 11.59 -18.39
CA SER A 176 -10.18 12.87 -17.93
C SER A 176 -8.75 12.72 -17.41
N SER A 177 -8.16 13.85 -17.01
CA SER A 177 -6.83 13.86 -16.39
C SER A 177 -6.60 15.18 -15.63
N GLY B 10 14.04 0.74 25.74
CA GLY B 10 14.39 0.63 24.28
C GLY B 10 14.10 -0.76 23.74
N ASN B 11 12.84 -1.01 23.37
CA ASN B 11 12.42 -2.31 22.85
C ASN B 11 12.83 -2.52 21.40
N VAL B 12 13.42 -3.68 21.10
CA VAL B 12 13.87 -4.03 19.75
C VAL B 12 12.97 -5.12 19.20
N TYR B 13 12.51 -4.94 17.95
CA TYR B 13 11.61 -5.89 17.29
C TYR B 13 12.13 -6.28 15.90
N GLY B 14 11.59 -7.39 15.39
CA GLY B 14 11.94 -7.95 14.08
C GLY B 14 13.34 -8.50 14.08
N PRO B 15 13.78 -9.06 12.94
CA PRO B 15 13.03 -9.20 11.68
C PRO B 15 11.86 -10.18 11.71
N SER B 16 10.86 -9.88 10.90
CA SER B 16 9.60 -10.62 10.86
C SER B 16 8.91 -10.32 9.53
N THR B 17 8.32 -11.34 8.92
CA THR B 17 7.68 -11.21 7.63
C THR B 17 6.27 -11.84 7.66
N GLY B 18 5.27 -11.10 7.18
CA GLY B 18 3.95 -11.68 6.92
C GLY B 18 2.99 -11.80 8.09
N THR B 19 3.38 -11.29 9.26
CA THR B 19 2.56 -11.38 10.48
C THR B 19 2.34 -9.96 11.00
N ASP B 20 1.10 -9.54 11.19
CA ASP B 20 0.82 -8.24 11.76
C ASP B 20 1.46 -8.14 13.15
N LEU B 21 2.09 -7.00 13.43
CA LEU B 21 2.80 -6.79 14.71
C LEU B 21 2.05 -5.79 15.59
N PHE B 22 2.13 -6.01 16.89
CA PHE B 22 1.47 -5.18 17.88
C PHE B 22 2.54 -4.70 18.87
N ILE B 23 2.88 -3.43 18.76
CA ILE B 23 3.97 -2.87 19.50
C ILE B 23 3.37 -2.10 20.70
N SER B 24 3.60 -2.56 21.92
N SER B 24 3.65 -2.57 21.91
CA SER B 24 2.99 -1.90 23.08
CA SER B 24 3.10 -1.96 23.12
C SER B 24 3.73 -0.61 23.40
C SER B 24 3.76 -0.62 23.42
N HIS B 25 3.15 0.17 24.30
CA HIS B 25 3.69 1.46 24.70
C HIS B 25 5.00 1.26 25.40
N SER B 26 5.93 2.17 25.21
CA SER B 26 7.23 2.13 25.89
C SER B 26 7.89 3.49 25.66
N LYS B 27 9.13 3.64 26.10
CA LYS B 27 9.87 4.91 25.94
C LYS B 27 10.76 4.95 24.69
N GLY B 28 10.70 3.91 23.87
CA GLY B 28 11.58 3.82 22.70
C GLY B 28 11.40 2.49 22.00
N VAL B 29 11.35 2.52 20.67
CA VAL B 29 11.33 1.29 19.90
C VAL B 29 12.31 1.34 18.72
N PHE B 30 12.79 0.15 18.39
CA PHE B 30 13.64 -0.08 17.26
C PHE B 30 13.03 -1.28 16.52
N ILE B 31 12.67 -1.10 15.26
CA ILE B 31 12.07 -2.15 14.43
C ILE B 31 12.97 -2.35 13.22
N ASN B 32 13.50 -3.56 13.08
CA ASN B 32 14.47 -3.89 12.03
C ASN B 32 14.02 -5.07 11.18
N GLY B 33 14.04 -4.88 9.87
CA GLY B 33 13.89 -5.95 8.91
C GLY B 33 12.52 -6.60 8.81
N CYS B 34 11.45 -5.83 8.96
CA CYS B 34 10.10 -6.35 8.87
C CYS B 34 9.50 -6.12 7.47
N ALA B 35 8.68 -7.07 7.01
CA ALA B 35 8.14 -7.04 5.66
C ALA B 35 6.74 -7.61 5.56
N ASP B 36 5.94 -7.08 4.62
CA ASP B 36 4.66 -7.68 4.20
C ASP B 36 3.73 -7.82 5.39
N CYS B 37 3.51 -6.72 6.10
CA CYS B 37 2.61 -6.78 7.24
C CYS B 37 2.11 -5.40 7.63
N ALA B 38 1.18 -5.38 8.57
CA ALA B 38 0.70 -4.18 9.21
C ALA B 38 1.35 -4.12 10.60
N ILE B 39 1.79 -2.95 11.01
CA ILE B 39 2.44 -2.76 12.30
C ILE B 39 1.64 -1.72 13.10
N TYR B 40 1.03 -2.15 14.19
CA TYR B 40 0.17 -1.28 15.01
C TYR B 40 0.90 -0.97 16.31
N CYS B 41 1.29 0.30 16.50
CA CYS B 41 1.96 0.75 17.70
C CYS B 41 1.07 1.63 18.58
N LEU B 42 0.95 1.26 19.85
CA LEU B 42 0.45 2.17 20.86
C LEU B 42 1.44 3.33 20.96
N PRO B 43 0.98 4.50 21.46
CA PRO B 43 1.88 5.66 21.50
C PRO B 43 3.18 5.37 22.24
N ILE B 44 4.31 5.77 21.65
CA ILE B 44 5.63 5.60 22.25
C ILE B 44 6.10 6.96 22.81
N ALA B 45 6.46 6.99 24.09
CA ALA B 45 6.88 8.22 24.73
C ALA B 45 8.36 8.36 24.58
N GLY B 46 8.78 8.47 23.33
CA GLY B 46 10.22 8.55 22.96
C GLY B 46 10.38 8.32 21.46
N SER B 47 11.54 7.88 21.01
CA SER B 47 11.75 7.74 19.59
C SER B 47 11.41 6.35 19.06
N ALA B 48 11.04 6.33 17.79
CA ALA B 48 10.78 5.11 17.05
C ALA B 48 11.74 5.15 15.86
N PHE B 49 12.49 4.06 15.69
CA PHE B 49 13.45 3.91 14.62
C PHE B 49 13.09 2.65 13.85
N LEU B 50 12.77 2.80 12.56
CA LEU B 50 12.55 1.66 11.67
C LEU B 50 13.68 1.58 10.65
N SER B 51 14.21 0.41 10.45
CA SER B 51 15.23 0.20 9.44
C SER B 51 15.00 -1.05 8.60
N ASN B 52 15.34 -0.97 7.34
CA ASN B 52 15.27 -2.11 6.45
C ASN B 52 13.91 -2.79 6.42
N CYS B 53 12.86 -2.00 6.47
CA CYS B 53 11.50 -2.52 6.38
C CYS B 53 10.98 -2.28 5.00
N THR B 54 10.21 -3.24 4.49
N THR B 54 10.23 -3.24 4.48
CA THR B 54 9.63 -3.16 3.16
CA THR B 54 9.63 -3.13 3.17
C THR B 54 8.17 -3.60 3.12
C THR B 54 8.18 -3.61 3.10
N ASN B 55 7.34 -2.89 2.34
CA ASN B 55 5.96 -3.30 2.09
C ASN B 55 5.21 -3.50 3.39
N CYS B 56 5.25 -2.47 4.23
CA CYS B 56 4.53 -2.53 5.52
C CYS B 56 3.61 -1.34 5.63
N ARG B 57 2.50 -1.52 6.35
N ARG B 57 2.52 -1.51 6.38
CA ARG B 57 1.63 -0.41 6.76
CA ARG B 57 1.63 -0.41 6.78
C ARG B 57 1.85 -0.22 8.25
C ARG B 57 1.74 -0.17 8.28
N VAL B 58 2.25 0.99 8.66
CA VAL B 58 2.68 1.25 10.05
C VAL B 58 1.86 2.37 10.66
N TYR B 59 1.29 2.13 11.84
CA TYR B 59 0.53 3.13 12.58
C TYR B 59 1.29 3.38 13.86
N VAL B 60 1.81 4.60 14.02
CA VAL B 60 2.69 4.90 15.17
C VAL B 60 2.53 6.36 15.60
N ALA B 61 2.45 6.54 16.93
CA ALA B 61 2.62 7.83 17.58
C ALA B 61 3.92 7.82 18.39
N CYS B 62 4.67 8.93 18.35
CA CYS B 62 6.00 9.00 18.96
C CYS B 62 6.49 10.44 19.05
N HIS B 63 7.55 10.64 19.84
CA HIS B 63 8.22 11.95 19.93
C HIS B 63 9.11 12.27 18.74
N GLN B 64 9.90 11.29 18.33
CA GLN B 64 10.70 11.36 17.13
C GLN B 64 10.50 10.10 16.32
N LEU B 65 10.54 10.24 15.01
CA LEU B 65 10.42 9.11 14.10
C LEU B 65 11.59 9.17 13.11
N ARG B 66 12.34 8.08 13.01
CA ARG B 66 13.38 8.00 12.00
C ARG B 66 13.30 6.68 11.22
N LEU B 67 13.44 6.77 9.91
CA LEU B 67 13.43 5.60 9.04
C LEU B 67 14.68 5.54 8.15
N LYS B 68 15.27 4.35 8.05
CA LYS B 68 16.49 4.17 7.26
C LYS B 68 16.35 2.92 6.41
N GLY B 69 16.69 3.02 5.13
CA GLY B 69 16.71 1.87 4.24
C GLY B 69 15.37 1.19 4.03
N CYS B 70 14.28 1.96 4.07
CA CYS B 70 12.92 1.41 3.93
C CYS B 70 12.31 1.69 2.55
N THR B 71 11.48 0.78 2.04
CA THR B 71 10.84 0.89 0.75
C THR B 71 9.35 0.50 0.83
N ASN B 72 8.47 1.27 0.18
CA ASN B 72 7.02 0.95 0.09
C ASN B 72 6.38 0.78 1.48
N LEU B 73 6.63 1.74 2.36
CA LEU B 73 5.94 1.83 3.65
C LEU B 73 4.84 2.88 3.54
N ASP B 74 3.65 2.52 4.01
CA ASP B 74 2.61 3.53 4.26
C ASP B 74 2.69 3.83 5.75
N TYR B 76 1.38 5.87 8.97
CA TYR B 76 0.29 6.66 9.59
C TYR B 76 0.78 7.16 10.95
N VAL B 77 1.06 8.46 11.00
CA VAL B 77 1.96 9.01 11.96
C VAL B 77 1.36 10.18 12.77
N TRP B 78 1.62 10.15 14.08
CA TRP B 78 1.41 11.31 14.94
C TRP B 78 2.73 11.52 15.66
N CYS B 79 3.46 12.54 15.25
N CYS B 79 3.47 12.53 15.23
CA CYS B 79 4.81 12.75 15.75
CA CYS B 79 4.80 12.78 15.81
C CYS B 79 4.97 14.14 16.34
C CYS B 79 4.89 14.16 16.40
N ALA B 80 5.65 14.25 17.48
CA ALA B 80 5.97 15.53 18.09
C ALA B 80 6.97 16.33 17.28
N SER B 81 7.73 15.68 16.40
CA SER B 81 8.66 16.39 15.52
C SER B 81 8.56 15.91 14.06
N THR B 82 9.23 16.58 13.14
CA THR B 82 9.25 16.13 11.76
C THR B 82 9.97 14.76 11.58
N PRO B 83 9.27 13.76 10.99
CA PRO B 83 9.92 12.49 10.70
C PRO B 83 11.13 12.68 9.79
N ILE B 84 12.20 11.92 10.03
CA ILE B 84 13.41 11.94 9.22
C ILE B 84 13.55 10.62 8.45
N ILE B 85 13.80 10.70 7.15
CA ILE B 85 14.08 9.50 6.39
C ILE B 85 15.46 9.56 5.80
N GLU B 86 15.99 8.39 5.49
CA GLU B 86 17.33 8.24 4.96
C GLU B 86 17.41 6.96 4.13
N GLU B 87 17.81 7.08 2.87
CA GLU B 87 17.87 5.92 1.96
C GLU B 87 16.52 5.19 1.93
N CYS B 88 15.43 5.97 1.82
CA CYS B 88 14.09 5.41 1.74
C CYS B 88 13.48 5.78 0.40
N ASP B 89 12.49 5.02 -0.05
CA ASP B 89 11.80 5.34 -1.32
C ASP B 89 10.41 4.75 -1.28
N ALA B 90 9.50 5.36 -2.05
CA ALA B 90 8.11 4.93 -2.16
C ALA B 90 7.47 4.96 -0.76
N ARG B 92 4.84 6.77 1.81
CA ARG B 92 3.62 7.57 1.80
C ARG B 92 3.16 7.81 3.23
N PHE B 93 2.81 9.05 3.54
CA PHE B 93 2.44 9.46 4.90
C PHE B 93 0.99 9.88 5.07
N GLY B 94 0.40 9.36 6.14
CA GLY B 94 -0.94 9.69 6.55
C GLY B 94 -0.98 9.92 8.07
N PRO B 95 -2.19 10.24 8.60
CA PRO B 95 -2.40 10.48 10.02
C PRO B 95 -2.74 9.20 10.81
N TYR B 96 -2.28 9.19 12.06
CA TYR B 96 -2.46 8.10 13.02
C TYR B 96 -3.93 7.80 13.31
N ARG B 97 -4.77 8.82 13.18
CA ARG B 97 -6.19 8.67 13.39
C ARG B 97 -6.83 7.61 12.45
N CYS B 98 -6.16 7.25 11.36
CA CYS B 98 -6.62 6.16 10.50
C CYS B 98 -6.64 4.84 11.21
N TRP B 99 -5.90 4.68 12.32
CA TRP B 99 -6.06 3.49 13.12
C TRP B 99 -7.27 3.66 14.04
N VAL B 100 -8.46 3.49 13.45
CA VAL B 100 -9.72 3.59 14.16
C VAL B 100 -9.77 2.57 15.30
N GLY B 101 -9.20 1.40 15.10
CA GLY B 101 -9.22 0.34 16.12
C GLY B 101 -8.52 0.62 17.44
N LEU B 102 -7.62 1.61 17.45
CA LEU B 102 -6.97 2.05 18.69
C LEU B 102 -8.02 2.43 19.75
N LEU B 103 -9.10 3.05 19.28
CA LEU B 103 -10.14 3.52 20.17
C LEU B 103 -10.90 2.38 20.86
N SER B 104 -10.85 1.19 20.27
CA SER B 104 -11.44 -0.03 20.85
C SER B 104 -10.37 -0.92 21.47
N SER B 105 -9.19 -0.36 21.69
CA SER B 105 -8.08 -1.06 22.31
C SER B 105 -7.87 -0.49 23.70
N CYS B 106 -6.99 -1.13 24.47
CA CYS B 106 -6.64 -0.63 25.79
C CYS B 106 -5.14 -0.69 26.08
N THR B 107 -4.70 0.07 27.09
CA THR B 107 -3.31 0.02 27.53
C THR B 107 -3.10 -1.28 28.29
N GLU B 108 -1.88 -1.48 28.76
CA GLU B 108 -1.54 -2.68 29.51
C GLU B 108 -2.38 -2.75 30.80
N ASP B 109 -2.64 -1.60 31.42
CA ASP B 109 -3.46 -1.50 32.63
C ASP B 109 -4.98 -1.47 32.40
N GLY B 110 -5.42 -1.63 31.16
CA GLY B 110 -6.84 -1.65 30.87
C GLY B 110 -7.47 -0.29 30.61
N LYS B 111 -6.67 0.78 30.59
CA LYS B 111 -7.20 2.11 30.29
C LYS B 111 -7.55 2.25 28.82
N THR B 112 -8.61 2.99 28.56
CA THR B 112 -9.12 3.22 27.23
C THR B 112 -9.39 4.71 27.14
N TYR B 113 -9.26 5.26 25.92
CA TYR B 113 -9.53 6.68 25.70
C TYR B 113 -10.40 6.80 24.46
N ALA B 114 -11.20 7.86 24.40
CA ALA B 114 -12.23 7.99 23.38
C ALA B 114 -11.75 8.62 22.09
N THR B 115 -10.58 9.26 22.11
CA THR B 115 -10.02 9.92 20.93
C THR B 115 -8.52 9.65 20.78
N HIS B 116 -8.01 9.90 19.59
CA HIS B 116 -6.58 9.71 19.35
C HIS B 116 -5.76 10.75 20.08
N ALA B 117 -6.25 11.99 20.15
CA ALA B 117 -5.57 13.05 20.89
C ALA B 117 -5.36 12.66 22.35
N GLU B 118 -6.37 12.07 22.98
N GLU B 118 -6.35 12.06 23.01
CA GLU B 118 -6.26 11.61 24.36
CA GLU B 118 -6.18 11.67 24.41
C GLU B 118 -5.24 10.50 24.52
C GLU B 118 -5.24 10.47 24.57
N TRP B 119 -5.28 9.52 23.63
CA TRP B 119 -4.27 8.45 23.62
C TRP B 119 -2.85 9.01 23.52
N VAL B 120 -2.67 9.90 22.56
CA VAL B 120 -1.34 10.45 22.29
C VAL B 120 -0.87 11.35 23.43
N SER B 121 -1.79 12.12 24.03
CA SER B 121 -1.45 12.96 25.18
C SER B 121 -1.15 12.10 26.44
N ARG B 122 -2.06 11.17 26.77
CA ARG B 122 -1.97 10.42 28.02
C ARG B 122 -0.95 9.27 27.98
N VAL B 123 -0.90 8.51 26.88
CA VAL B 123 0.05 7.38 26.76
C VAL B 123 1.35 7.81 26.06
N GLY B 124 1.23 8.63 25.00
CA GLY B 124 2.38 9.13 24.28
C GLY B 124 3.15 10.27 24.92
N GLU B 125 2.52 10.96 25.86
CA GLU B 125 3.10 12.10 26.54
C GLU B 125 3.44 13.23 25.57
N ILE B 126 2.62 13.45 24.55
CA ILE B 126 2.77 14.64 23.72
C ILE B 126 1.75 15.62 24.25
N GLU B 127 2.22 16.74 24.79
CA GLU B 127 1.33 17.72 25.39
C GLU B 127 0.58 18.52 24.31
N ASP B 128 1.28 18.98 23.27
CA ASP B 128 0.64 19.85 22.26
C ASP B 128 0.10 19.03 21.09
N THR B 129 -1.04 18.38 21.33
CA THR B 129 -1.64 17.48 20.37
C THR B 129 -2.15 18.20 19.11
N ALA B 130 -2.72 19.40 19.28
CA ALA B 130 -3.27 20.16 18.16
C ALA B 130 -2.22 20.47 17.07
N ARG B 131 -1.08 20.99 17.52
N ARG B 131 -1.06 20.96 17.49
CA ARG B 131 0.01 21.31 16.62
CA ARG B 131 -0.04 21.35 16.53
C ARG B 131 0.46 20.06 15.92
C ARG B 131 0.77 20.18 15.99
N THR B 132 0.87 19.09 16.74
CA THR B 132 1.68 17.99 16.28
C THR B 132 0.90 17.05 15.36
N GLU B 133 -0.43 17.04 15.42
CA GLU B 133 -1.20 16.09 14.63
C GLU B 133 -0.87 16.18 13.14
N GLN B 134 -0.58 17.38 12.65
CA GLN B 134 -0.28 17.65 11.23
C GLN B 134 1.19 17.53 10.84
N ASN B 135 2.07 17.10 11.73
CA ASN B 135 3.47 16.93 11.39
C ASN B 135 3.69 15.86 10.32
N TYR B 136 2.75 14.95 10.13
CA TYR B 136 2.94 13.87 9.14
C TYR B 136 2.99 14.36 7.69
N VAL B 137 2.51 15.57 7.42
CA VAL B 137 2.60 16.10 6.05
C VAL B 137 3.99 16.65 5.76
N LYS B 138 4.83 16.81 6.78
CA LYS B 138 6.19 17.31 6.57
C LYS B 138 7.16 16.20 6.90
N VAL B 139 8.04 15.86 5.96
CA VAL B 139 9.03 14.80 6.17
C VAL B 139 10.39 15.39 5.82
N ASP B 140 11.42 14.96 6.54
CA ASP B 140 12.78 15.52 6.41
C ASP B 140 13.68 14.49 5.74
N ASP B 141 13.73 14.54 4.40
CA ASP B 141 14.57 13.61 3.64
C ASP B 141 15.88 14.39 3.48
N PHE B 142 16.66 14.41 4.55
CA PHE B 142 17.74 15.39 4.69
C PHE B 142 18.90 15.23 3.70
N GLN B 143 19.12 14.02 3.17
CA GLN B 143 20.17 13.82 2.17
C GLN B 143 19.74 14.30 0.78
N TRP B 144 18.44 14.52 0.57
CA TRP B 144 17.97 15.10 -0.69
C TRP B 144 18.21 16.62 -0.63
N VAL B 145 19.30 17.04 -1.25
CA VAL B 145 19.70 18.46 -1.17
C VAL B 145 19.44 19.25 -2.45
N LYS B 146 18.93 18.61 -3.50
CA LYS B 146 18.43 19.35 -4.68
C LYS B 146 17.34 20.32 -4.24
N LYS B 147 17.05 21.31 -5.08
CA LYS B 147 16.07 22.37 -4.76
C LYS B 147 14.62 21.87 -4.82
N ARG B 148 14.34 20.99 -5.77
CA ARG B 148 12.99 20.45 -5.94
C ARG B 148 12.60 19.47 -4.82
N ALA B 149 11.29 19.31 -4.63
CA ALA B 149 10.73 18.33 -3.69
C ALA B 149 11.37 16.94 -3.88
N SER B 150 11.57 16.24 -2.76
CA SER B 150 12.08 14.86 -2.81
C SER B 150 11.05 13.99 -3.50
N PRO B 151 11.51 13.05 -4.35
CA PRO B 151 10.59 12.12 -5.00
C PRO B 151 10.40 10.87 -4.16
N HIS B 152 11.06 10.81 -2.99
CA HIS B 152 11.04 9.57 -2.17
C HIS B 152 9.87 9.39 -1.24
N TRP B 153 9.10 10.46 -1.01
CA TRP B 153 7.94 10.43 -0.14
C TRP B 153 6.83 11.36 -0.65
N CYS B 154 5.60 11.07 -0.22
CA CYS B 154 4.46 11.91 -0.50
C CYS B 154 3.41 11.70 0.60
N VAL B 155 2.33 12.47 0.52
CA VAL B 155 1.22 12.43 1.47
C VAL B 155 0.06 11.66 0.82
N LEU B 156 -0.46 10.68 1.54
CA LEU B 156 -1.59 9.88 1.08
C LEU B 156 -2.78 10.79 0.82
N ALA B 157 -3.48 10.51 -0.28
CA ALA B 157 -4.76 11.14 -0.55
C ALA B 157 -5.82 10.50 0.37
N ARG B 158 -6.89 11.23 0.66
CA ARG B 158 -7.99 10.71 1.48
C ARG B 158 -8.43 9.30 1.12
N GLU B 159 -8.66 9.06 -0.17
CA GLU B 159 -9.15 7.74 -0.63
C GLU B 159 -8.12 6.62 -0.60
N GLU B 160 -6.86 6.96 -0.43
CA GLU B 160 -5.83 5.94 -0.28
C GLU B 160 -5.58 5.64 1.20
N GLU B 161 -6.25 6.34 2.11
CA GLU B 161 -6.02 6.07 3.53
C GLU B 161 -6.59 4.69 3.91
N ARG B 162 -5.86 3.91 4.70
CA ARG B 162 -6.35 2.62 5.16
C ARG B 162 -6.81 2.76 6.59
N ALA B 163 -8.13 2.86 6.76
CA ALA B 163 -8.76 3.07 8.06
C ALA B 163 -8.98 1.72 8.76
N SER B 164 -8.00 1.28 9.54
CA SER B 164 -8.02 -0.06 10.14
C SER B 164 -8.87 -0.08 11.41
N THR B 165 -9.76 -1.06 11.50
CA THR B 165 -10.55 -1.30 12.69
C THR B 165 -9.89 -2.35 13.59
N THR B 166 -8.70 -2.82 13.23
CA THR B 166 -8.01 -3.86 14.00
C THR B 166 -7.80 -3.46 15.47
N VAL B 167 -8.20 -4.34 16.39
CA VAL B 167 -7.95 -4.16 17.82
C VAL B 167 -6.52 -4.59 18.17
N PHE B 168 -5.87 -3.83 19.04
CA PHE B 168 -4.51 -4.15 19.48
C PHE B 168 -4.48 -5.45 20.28
N GLY B 169 -3.57 -6.35 19.90
CA GLY B 169 -3.13 -7.41 20.80
C GLY B 169 -3.23 -8.79 20.18
N PRO B 170 -2.51 -9.78 20.74
CA PRO B 170 -1.61 -9.61 21.89
C PRO B 170 -0.30 -8.97 21.49
N ALA B 171 0.35 -8.31 22.43
CA ALA B 171 1.57 -7.56 22.14
C ALA B 171 2.62 -8.49 21.55
N THR B 172 3.28 -8.05 20.49
CA THR B 172 4.44 -8.75 19.96
C THR B 172 5.58 -8.71 20.98
N LEU B 173 6.24 -9.83 21.19
CA LEU B 173 7.30 -9.94 22.16
C LEU B 173 8.54 -9.29 21.56
N PRO B 174 9.16 -8.31 22.28
CA PRO B 174 10.43 -7.78 21.80
C PRO B 174 11.55 -8.84 21.68
N SER B 175 12.52 -8.60 20.80
CA SER B 175 13.76 -9.37 20.80
C SER B 175 14.60 -9.16 22.09
#